data_6D94
#
_entry.id   6D94
#
_cell.length_a   55.437
_cell.length_b   87.623
_cell.length_c   121.561
_cell.angle_alpha   90.00
_cell.angle_beta   90.00
_cell.angle_gamma   90.00
#
_symmetry.space_group_name_H-M   'C 2 2 21'
#
loop_
_entity.id
_entity.type
_entity.pdbx_description
1 polymer 'Peroxisome proliferator-activated receptor gamma'
2 polymer 'Mediator of RNA polymerase II transcription subunit 1'
3 non-polymer '(2~{S})-3-[4-[2-[methyl(pyridin-2-yl)amino]ethoxy]phenyl]-2-[[2-(phenylcarbonyl)phenyl]amino]propanoic acid'
4 water water
#
loop_
_entity_poly.entity_id
_entity_poly.type
_entity_poly.pdbx_seq_one_letter_code
_entity_poly.pdbx_strand_id
1 'polypeptide(L)'
;MAHHHHHHVDDDDKMENLYFQGQLNPESADLRALAKHLYDSYIKSFPLTKAKARAILTGKTTDKSPFVIYDMNSLMMGED
KIKFKHITPLQEQSKEVAIRIFQGCQFRSVEAVQEITEYAKSIPGFVNLDLNDQVTLLKYGVHEIIYTMLASLMNKDGVL
ISEGQGFMTREFLKSLRKPFGDFMEPKFEFAVKFNALELDDSDLAIFIAVIILSGDRPGLLNVKPIEDIQDNLLQALELQ
LKLNHPESSQLFAKLLQKMTDLRQIVTEHVQLLQVIKKTETDMSLHPLLQEIYKDLY
;
A
2 'polypeptide(L)' VSSMAGNTKNHPMLMNLLKDNPAQ B
#
loop_
_chem_comp.id
_chem_comp.type
_chem_comp.name
_chem_comp.formula
EDK non-polymer '(2~{S})-3-[4-[2-[methyl(pyridin-2-yl)amino]ethoxy]phenyl]-2-[[2-(phenylcarbonyl)phenyl]amino]propanoic acid' 'C30 H29 N3 O4'
#
# COMPACT_ATOMS: atom_id res chain seq x y z
N GLU A 27 28.91 12.77 5.86
CA GLU A 27 27.52 12.92 5.43
C GLU A 27 27.08 11.75 4.54
N SER A 28 28.00 11.25 3.72
CA SER A 28 27.71 10.06 2.93
C SER A 28 27.54 8.83 3.82
N ALA A 29 28.29 8.75 4.92
CA ALA A 29 28.09 7.68 5.88
C ALA A 29 26.80 7.85 6.67
N ASP A 30 26.37 9.08 6.91
CA ASP A 30 25.13 9.27 7.66
C ASP A 30 23.92 8.95 6.78
N LEU A 31 24.01 9.28 5.49
CA LEU A 31 22.92 8.93 4.57
C LEU A 31 22.78 7.42 4.41
N ARG A 32 23.90 6.69 4.52
CA ARG A 32 23.87 5.24 4.42
C ARG A 32 23.40 4.61 5.72
N ALA A 33 23.69 5.24 6.86
CA ALA A 33 23.12 4.78 8.12
C ALA A 33 21.61 4.99 8.16
N LEU A 34 21.13 6.11 7.61
CA LEU A 34 19.69 6.34 7.57
C LEU A 34 18.99 5.26 6.74
N ALA A 35 19.58 4.87 5.61
CA ALA A 35 18.98 3.83 4.79
C ALA A 35 18.84 2.52 5.58
N LYS A 36 19.90 2.14 6.30
CA LYS A 36 19.85 0.93 7.11
C LYS A 36 18.77 1.02 8.18
N HIS A 37 18.62 2.20 8.81
CA HIS A 37 17.57 2.38 9.79
C HIS A 37 16.20 2.15 9.16
N LEU A 38 16.00 2.67 7.95
CA LEU A 38 14.71 2.52 7.30
C LEU A 38 14.46 1.07 6.89
N TYR A 39 15.48 0.42 6.30
CA TYR A 39 15.30 -0.97 5.86
C TYR A 39 14.96 -1.87 7.04
N ASP A 40 15.64 -1.65 8.17
CA ASP A 40 15.36 -2.43 9.37
C ASP A 40 13.95 -2.13 9.88
N SER A 41 13.52 -0.87 9.86
CA SER A 41 12.17 -0.59 10.33
C SER A 41 11.15 -1.17 9.37
N TYR A 42 11.44 -1.11 8.08
CA TYR A 42 10.61 -1.78 7.08
C TYR A 42 10.50 -3.27 7.40
N ILE A 43 11.62 -3.92 7.71
CA ILE A 43 11.53 -5.36 7.95
C ILE A 43 10.71 -5.65 9.20
N LYS A 44 10.80 -4.79 10.23
CA LYS A 44 10.00 -5.12 11.39
C LYS A 44 8.53 -4.84 11.16
N SER A 45 8.21 -4.03 10.16
CA SER A 45 6.86 -3.49 10.01
C SER A 45 6.00 -4.22 9.00
N PHE A 46 6.60 -4.84 7.97
CA PHE A 46 5.85 -5.45 6.87
C PHE A 46 6.16 -6.93 6.77
N PRO A 47 5.26 -7.79 7.25
CA PRO A 47 5.55 -9.25 7.29
C PRO A 47 5.88 -9.88 5.92
N LEU A 48 5.19 -9.47 4.84
CA LEU A 48 5.41 -10.03 3.52
C LEU A 48 6.21 -8.99 2.71
N THR A 49 7.51 -9.19 2.62
CA THR A 49 8.35 -8.26 1.88
C THR A 49 8.33 -8.59 0.39
N LYS A 50 8.93 -7.71 -0.41
CA LYS A 50 9.11 -8.03 -1.82
C LYS A 50 10.04 -9.22 -2.00
N ALA A 51 11.08 -9.33 -1.15
CA ALA A 51 11.95 -10.49 -1.24
C ALA A 51 11.16 -11.78 -1.06
N LYS A 52 10.30 -11.86 -0.03
CA LYS A 52 9.59 -13.12 0.16
C LYS A 52 8.50 -13.30 -0.91
N ALA A 53 7.87 -12.20 -1.35
CA ALA A 53 6.84 -12.35 -2.38
C ALA A 53 7.44 -12.80 -3.70
N ARG A 54 8.62 -12.28 -4.05
CA ARG A 54 9.24 -12.71 -5.30
C ARG A 54 9.60 -14.20 -5.25
N ALA A 55 10.06 -14.69 -4.10
CA ALA A 55 10.39 -16.12 -4.00
C ALA A 55 9.15 -16.99 -4.18
N ILE A 56 8.00 -16.53 -3.68
CA ILE A 56 6.75 -17.24 -3.90
C ILE A 56 6.35 -17.19 -5.37
N LEU A 57 6.42 -16.00 -5.97
CA LEU A 57 5.87 -15.86 -7.31
C LEU A 57 6.71 -16.58 -8.36
N THR A 58 7.93 -16.97 -8.00
CA THR A 58 8.80 -17.67 -8.94
C THR A 58 9.12 -19.08 -8.46
N GLY A 59 8.31 -19.61 -7.54
CA GLY A 59 8.46 -21.03 -7.22
C GLY A 59 9.78 -21.37 -6.58
N LYS A 60 10.48 -20.37 -6.05
CA LYS A 60 11.78 -20.55 -5.40
C LYS A 60 11.67 -20.98 -3.94
N THR A 61 10.49 -20.92 -3.33
CA THR A 61 10.26 -21.32 -1.94
C THR A 61 10.21 -22.85 -1.81
N THR A 62 10.21 -23.31 -0.55
CA THR A 62 9.83 -24.68 -0.21
C THR A 62 8.40 -24.78 0.32
N ASP A 63 7.81 -23.66 0.75
CA ASP A 63 6.35 -23.55 0.91
C ASP A 63 5.65 -24.22 -0.27
N LYS A 64 4.59 -24.98 0.00
CA LYS A 64 3.75 -25.36 -1.12
C LYS A 64 3.17 -24.08 -1.77
N SER A 65 2.78 -24.19 -3.03
CA SER A 65 2.39 -23.02 -3.78
C SER A 65 1.14 -22.39 -3.16
N PRO A 66 0.92 -21.08 -3.32
CA PRO A 66 -0.34 -20.50 -2.89
C PRO A 66 -1.47 -21.18 -3.63
N PHE A 67 -2.63 -21.19 -3.01
CA PHE A 67 -3.84 -21.62 -3.69
C PHE A 67 -4.26 -20.57 -4.72
N VAL A 68 -4.63 -21.01 -5.92
CA VAL A 68 -4.91 -20.11 -7.03
C VAL A 68 -6.43 -19.96 -7.16
N ILE A 69 -6.90 -18.73 -7.02
CA ILE A 69 -8.29 -18.37 -7.25
C ILE A 69 -8.37 -17.77 -8.65
N TYR A 70 -9.03 -18.45 -9.58
CA TYR A 70 -9.06 -18.01 -10.97
C TYR A 70 -10.47 -18.00 -11.57
N ASP A 71 -11.47 -18.50 -10.87
CA ASP A 71 -12.83 -18.46 -11.38
C ASP A 71 -13.75 -18.54 -10.17
N MET A 72 -15.05 -18.53 -10.43
CA MET A 72 -15.98 -18.56 -9.29
C MET A 72 -15.75 -19.80 -8.43
N ASN A 73 -15.57 -20.98 -9.06
CA ASN A 73 -15.51 -22.23 -8.28
C ASN A 73 -14.25 -22.32 -7.46
N SER A 74 -13.14 -21.88 -7.98
CA SER A 74 -11.94 -21.91 -7.16
C SER A 74 -11.96 -20.81 -6.10
N LEU A 75 -12.70 -19.71 -6.29
CA LEU A 75 -12.87 -18.77 -5.18
C LEU A 75 -13.52 -19.45 -3.98
N MET A 76 -14.68 -20.08 -4.21
CA MET A 76 -15.37 -20.83 -3.17
C MET A 76 -14.52 -21.93 -2.58
N MET A 77 -13.69 -22.56 -3.40
CA MET A 77 -12.86 -23.66 -2.90
C MET A 77 -11.73 -23.13 -2.01
N GLY A 78 -11.18 -21.96 -2.31
CA GLY A 78 -10.08 -21.39 -1.56
C GLY A 78 -10.48 -20.31 -0.57
N GLU A 79 -11.78 -20.03 -0.46
CA GLU A 79 -12.22 -18.81 0.23
C GLU A 79 -11.75 -18.77 1.68
N ASP A 80 -11.75 -19.93 2.35
CA ASP A 80 -11.27 -20.08 3.73
C ASP A 80 -9.83 -19.66 3.88
N LYS A 81 -9.10 -19.52 2.79
CA LYS A 81 -7.71 -19.06 2.86
C LYS A 81 -7.57 -17.56 2.88
N ILE A 82 -8.60 -16.80 2.49
CA ILE A 82 -8.54 -15.35 2.60
C ILE A 82 -8.66 -14.98 4.08
N LYS A 83 -7.66 -14.28 4.62
CA LYS A 83 -7.76 -13.81 6.02
C LYS A 83 -8.96 -12.89 6.16
N PHE A 84 -9.84 -13.26 7.09
CA PHE A 84 -11.08 -12.55 7.34
C PHE A 84 -11.57 -12.98 8.71
N LYS A 85 -11.85 -12.03 9.58
CA LYS A 85 -12.36 -12.32 10.92
C LYS A 85 -13.55 -11.43 11.18
N HIS A 86 -14.73 -12.03 11.34
CA HIS A 86 -15.97 -11.28 11.50
C HIS A 86 -16.97 -12.08 12.32
N ILE A 87 -18.22 -11.62 12.30
CA ILE A 87 -19.30 -12.30 13.00
C ILE A 87 -19.59 -13.66 12.37
N THR A 88 -19.42 -13.78 11.06
CA THR A 88 -19.66 -15.00 10.30
C THR A 88 -18.53 -15.14 9.29
N PRO A 89 -18.29 -16.36 8.79
CA PRO A 89 -17.23 -16.53 7.82
C PRO A 89 -17.51 -15.74 6.54
N LEU A 90 -16.41 -15.39 5.86
CA LEU A 90 -16.48 -14.65 4.59
C LEU A 90 -17.51 -15.24 3.64
N GLN A 91 -17.57 -16.58 3.52
CA GLN A 91 -18.54 -17.31 2.73
C GLN A 91 -19.97 -16.79 2.85
N GLU A 92 -20.38 -16.44 4.07
CA GLU A 92 -21.76 -16.07 4.34
C GLU A 92 -21.95 -14.57 4.41
N GLN A 93 -20.97 -13.80 3.89
CA GLN A 93 -21.02 -12.34 3.96
C GLN A 93 -21.95 -11.72 2.92
N SER A 94 -22.19 -12.41 1.81
CA SER A 94 -23.09 -11.92 0.78
C SER A 94 -23.35 -13.03 -0.21
N LYS A 95 -24.52 -12.97 -0.84
CA LYS A 95 -24.83 -13.89 -1.92
C LYS A 95 -23.83 -13.74 -3.07
N GLU A 96 -23.29 -12.53 -3.26
CA GLU A 96 -22.47 -12.21 -4.42
C GLU A 96 -21.00 -12.44 -4.15
N VAL A 97 -20.36 -13.20 -5.04
CA VAL A 97 -18.93 -13.38 -4.95
C VAL A 97 -18.20 -12.04 -4.94
N ALA A 98 -18.61 -11.11 -5.80
CA ALA A 98 -17.91 -9.83 -5.86
C ALA A 98 -18.02 -9.07 -4.54
N ILE A 99 -19.15 -9.15 -3.84
CA ILE A 99 -19.22 -8.44 -2.56
C ILE A 99 -18.28 -9.09 -1.55
N ARG A 100 -18.10 -10.41 -1.62
CA ARG A 100 -17.17 -11.07 -0.70
C ARG A 100 -15.74 -10.68 -1.00
N ILE A 101 -15.38 -10.56 -2.28
CA ILE A 101 -14.04 -10.10 -2.62
C ILE A 101 -13.81 -8.71 -2.04
N PHE A 102 -14.81 -7.84 -2.21
CA PHE A 102 -14.76 -6.51 -1.64
C PHE A 102 -14.52 -6.57 -0.14
N GLN A 103 -15.30 -7.39 0.59
CA GLN A 103 -15.10 -7.46 2.02
C GLN A 103 -13.73 -8.04 2.37
N GLY A 104 -13.25 -9.00 1.59
CA GLY A 104 -11.94 -9.56 1.91
C GLY A 104 -10.82 -8.56 1.73
N CYS A 105 -10.91 -7.76 0.69
CA CYS A 105 -9.84 -6.82 0.40
C CYS A 105 -9.88 -5.65 1.40
N GLN A 106 -11.08 -5.26 1.81
CA GLN A 106 -11.19 -4.24 2.84
C GLN A 106 -10.55 -4.71 4.15
N PHE A 107 -10.79 -5.96 4.53
CA PHE A 107 -10.16 -6.49 5.72
C PHE A 107 -8.64 -6.36 5.66
N ARG A 108 -8.02 -6.69 4.52
CA ARG A 108 -6.57 -6.51 4.37
C ARG A 108 -6.14 -5.04 4.44
N SER A 109 -6.91 -4.14 3.82
CA SER A 109 -6.52 -2.73 3.79
C SER A 109 -6.39 -2.17 5.21
N VAL A 110 -7.29 -2.54 6.13
CA VAL A 110 -7.18 -2.02 7.49
C VAL A 110 -5.88 -2.50 8.13
N GLU A 111 -5.53 -3.79 7.96
CA GLU A 111 -4.23 -4.23 8.48
C GLU A 111 -3.06 -3.54 7.76
N ALA A 112 -3.18 -3.24 6.46
CA ALA A 112 -2.11 -2.57 5.76
C ALA A 112 -1.88 -1.15 6.29
N VAL A 113 -2.97 -0.43 6.57
CA VAL A 113 -2.85 0.89 7.22
C VAL A 113 -2.08 0.79 8.52
N GLN A 114 -2.36 -0.23 9.33
CA GLN A 114 -1.69 -0.35 10.62
C GLN A 114 -0.19 -0.56 10.44
N GLU A 115 0.22 -1.37 9.46
CA GLU A 115 1.64 -1.59 9.21
C GLU A 115 2.33 -0.31 8.72
N ILE A 116 1.68 0.44 7.83
CA ILE A 116 2.27 1.69 7.34
C ILE A 116 2.40 2.72 8.47
N THR A 117 1.47 2.74 9.43
CA THR A 117 1.60 3.67 10.55
C THR A 117 2.78 3.30 11.46
N GLU A 118 2.97 2.01 11.74
CA GLU A 118 4.12 1.62 12.56
C GLU A 118 5.42 2.03 11.87
N TYR A 119 5.54 1.75 10.56
CA TYR A 119 6.70 2.19 9.80
C TYR A 119 6.88 3.71 9.88
N ALA A 120 5.79 4.47 9.68
CA ALA A 120 5.94 5.93 9.64
C ALA A 120 6.56 6.44 10.93
N LYS A 121 6.21 5.83 12.06
CA LYS A 121 6.72 6.26 13.35
C LYS A 121 8.23 6.10 13.46
N SER A 122 8.82 5.19 12.70
CA SER A 122 10.27 4.98 12.76
C SER A 122 11.02 5.94 11.85
N ILE A 123 10.30 6.72 11.06
CA ILE A 123 10.94 7.68 10.17
C ILE A 123 11.51 8.79 11.04
N PRO A 124 12.83 9.03 11.00
CA PRO A 124 13.44 9.96 11.95
C PRO A 124 12.93 11.38 11.71
N GLY A 125 12.45 12.01 12.77
CA GLY A 125 11.83 13.30 12.70
C GLY A 125 10.32 13.26 12.65
N PHE A 126 9.75 12.15 12.20
CA PHE A 126 8.30 12.08 12.01
C PHE A 126 7.57 12.33 13.32
N VAL A 127 7.91 11.58 14.37
CA VAL A 127 7.20 11.69 15.66
C VAL A 127 7.61 12.92 16.46
N ASN A 128 8.50 13.76 15.94
CA ASN A 128 8.78 15.06 16.56
C ASN A 128 8.02 16.19 15.88
N LEU A 129 7.18 15.88 14.90
CA LEU A 129 6.39 16.83 14.14
C LEU A 129 5.06 17.08 14.85
N ASP A 130 4.46 18.23 14.53
CA ASP A 130 3.14 18.56 15.02
C ASP A 130 2.16 17.47 14.71
N LEU A 131 1.59 16.87 15.77
CA LEU A 131 0.70 15.72 15.63
C LEU A 131 -0.38 15.94 14.57
N ASN A 132 -0.87 17.18 14.45
CA ASN A 132 -1.82 17.51 13.39
C ASN A 132 -1.25 17.22 12.00
N ASP A 133 0.01 17.60 11.76
CA ASP A 133 0.63 17.27 10.49
C ASP A 133 0.85 15.75 10.35
N GLN A 134 1.27 15.08 11.43
CA GLN A 134 1.44 13.63 11.38
C GLN A 134 0.18 12.97 10.86
N VAL A 135 -0.98 13.38 11.39
CA VAL A 135 -2.25 12.83 10.94
C VAL A 135 -2.47 13.09 9.45
N THR A 136 -2.21 14.32 9.00
CA THR A 136 -2.39 14.67 7.59
C THR A 136 -1.50 13.86 6.65
N LEU A 137 -0.24 13.63 7.02
CA LEU A 137 0.67 12.91 6.16
C LEU A 137 0.28 11.43 6.05
N LEU A 138 -0.15 10.84 7.16
CA LEU A 138 -0.72 9.50 7.13
C LEU A 138 -1.96 9.45 6.26
N LYS A 139 -2.87 10.40 6.47
CA LYS A 139 -4.14 10.41 5.73
C LYS A 139 -3.91 10.41 4.22
N TYR A 140 -2.98 11.21 3.75
CA TYR A 140 -2.85 11.34 2.30
C TYR A 140 -1.92 10.29 1.72
N GLY A 141 -0.92 9.91 2.48
CA GLY A 141 0.07 9.01 2.00
C GLY A 141 -0.27 7.52 2.13
N VAL A 142 -1.22 7.05 2.95
CA VAL A 142 -1.28 5.60 3.18
C VAL A 142 -1.67 4.87 1.92
N HIS A 143 -2.67 5.36 1.19
CA HIS A 143 -3.08 4.59 0.02
C HIS A 143 -2.02 4.61 -1.06
N GLU A 144 -1.24 5.69 -1.15
CA GLU A 144 -0.17 5.72 -2.13
C GLU A 144 0.87 4.67 -1.81
N ILE A 145 1.12 4.44 -0.53
CA ILE A 145 2.05 3.39 -0.13
C ILE A 145 1.44 2.01 -0.33
N ILE A 146 0.14 1.87 -0.09
CA ILE A 146 -0.49 0.57 -0.30
C ILE A 146 -0.30 0.12 -1.74
N TYR A 147 -0.47 1.05 -2.68
CA TYR A 147 -0.39 0.74 -4.10
C TYR A 147 1.04 0.50 -4.50
N THR A 148 1.96 1.27 -3.92
CA THR A 148 3.38 0.99 -4.14
C THR A 148 3.74 -0.45 -3.76
N MET A 149 3.40 -0.85 -2.52
CA MET A 149 3.80 -2.16 -2.00
C MET A 149 2.96 -3.28 -2.60
N LEU A 150 1.75 -2.98 -3.00
CA LEU A 150 0.95 -3.95 -3.73
C LEU A 150 1.67 -4.45 -4.99
N ALA A 151 2.41 -3.57 -5.68
CA ALA A 151 3.15 -4.05 -6.85
C ALA A 151 4.12 -5.15 -6.47
N SER A 152 4.70 -5.09 -5.27
CA SER A 152 5.58 -6.19 -4.84
C SER A 152 4.87 -7.54 -4.86
N LEU A 153 3.55 -7.56 -4.75
CA LEU A 153 2.81 -8.83 -4.62
C LEU A 153 2.19 -9.28 -5.94
N MET A 154 2.51 -8.59 -7.00
CA MET A 154 1.92 -8.80 -8.31
C MET A 154 2.93 -9.28 -9.34
N ASN A 155 2.45 -10.12 -10.26
CA ASN A 155 3.08 -10.25 -11.57
C ASN A 155 2.02 -9.86 -12.59
N LYS A 156 2.32 -10.07 -13.87
CA LYS A 156 1.36 -9.59 -14.86
C LYS A 156 0.06 -10.38 -14.86
N ASP A 157 0.05 -11.60 -14.28
CA ASP A 157 -1.14 -12.45 -14.26
C ASP A 157 -1.91 -12.47 -12.94
N GLY A 158 -1.40 -11.92 -11.84
CA GLY A 158 -2.23 -11.89 -10.64
C GLY A 158 -1.50 -11.39 -9.41
N VAL A 159 -2.17 -11.52 -8.26
CA VAL A 159 -1.69 -10.88 -7.02
C VAL A 159 -1.74 -11.87 -5.85
N LEU A 160 -0.68 -11.88 -5.02
CA LEU A 160 -0.71 -12.68 -3.79
C LEU A 160 -1.64 -12.05 -2.77
N ILE A 161 -2.36 -12.89 -2.06
CA ILE A 161 -3.28 -12.45 -1.02
C ILE A 161 -2.98 -13.23 0.25
N SER A 162 -3.43 -12.68 1.38
CA SER A 162 -3.36 -13.38 2.67
C SER A 162 -1.97 -13.91 2.92
N GLU A 163 -1.01 -13.00 2.81
CA GLU A 163 0.37 -13.19 3.20
C GLU A 163 1.03 -14.30 2.40
N GLY A 164 0.63 -14.39 1.13
CA GLY A 164 1.20 -15.37 0.23
C GLY A 164 0.49 -16.70 0.22
N GLN A 165 -0.57 -16.87 0.99
CA GLN A 165 -1.23 -18.16 1.03
C GLN A 165 -2.12 -18.39 -0.18
N GLY A 166 -2.58 -17.32 -0.83
CA GLY A 166 -3.37 -17.44 -2.01
C GLY A 166 -2.84 -16.50 -3.09
N PHE A 167 -3.34 -16.72 -4.30
CA PHE A 167 -2.91 -15.99 -5.49
C PHE A 167 -4.14 -15.82 -6.34
N MET A 168 -4.62 -14.61 -6.48
CA MET A 168 -5.86 -14.33 -7.19
C MET A 168 -5.52 -13.77 -8.58
N THR A 169 -6.11 -14.35 -9.63
CA THR A 169 -5.69 -13.96 -10.95
C THR A 169 -6.31 -12.64 -11.40
N ARG A 170 -5.50 -11.92 -12.18
CA ARG A 170 -5.93 -10.71 -12.87
C ARG A 170 -7.19 -10.95 -13.68
N GLU A 171 -7.19 -12.01 -14.49
CA GLU A 171 -8.35 -12.33 -15.31
C GLU A 171 -9.61 -12.48 -14.46
N PHE A 172 -9.50 -13.15 -13.32
CA PHE A 172 -10.66 -13.34 -12.43
C PHE A 172 -11.14 -12.00 -11.87
N LEU A 173 -10.20 -11.19 -11.37
CA LEU A 173 -10.60 -9.89 -10.82
C LEU A 173 -11.26 -9.03 -11.88
N LYS A 174 -10.77 -9.09 -13.13
CA LYS A 174 -11.36 -8.30 -14.19
C LYS A 174 -12.77 -8.76 -14.55
N SER A 175 -13.16 -9.99 -14.22
CA SER A 175 -14.48 -10.47 -14.64
C SER A 175 -15.55 -10.26 -13.59
N LEU A 176 -15.22 -9.67 -12.46
CA LEU A 176 -16.27 -9.40 -11.49
C LEU A 176 -17.22 -8.37 -12.06
N ARG A 177 -18.51 -8.54 -11.82
CA ARG A 177 -19.49 -7.58 -12.32
C ARG A 177 -19.09 -6.14 -11.98
N LYS A 178 -19.40 -5.23 -12.90
CA LYS A 178 -19.10 -3.83 -12.71
C LYS A 178 -19.83 -3.28 -11.47
N PRO A 179 -19.20 -2.38 -10.68
CA PRO A 179 -17.86 -1.78 -10.84
C PRO A 179 -16.74 -2.58 -10.18
N PHE A 180 -17.09 -3.73 -9.58
CA PHE A 180 -16.09 -4.52 -8.86
C PHE A 180 -14.97 -4.97 -9.79
N GLY A 181 -15.31 -5.25 -11.04
CA GLY A 181 -14.30 -5.66 -11.99
C GLY A 181 -13.31 -4.57 -12.38
N ASP A 182 -13.56 -3.31 -12.00
CA ASP A 182 -12.69 -2.22 -12.48
C ASP A 182 -11.63 -1.81 -11.47
N PHE A 183 -11.66 -2.37 -10.25
CA PHE A 183 -10.80 -1.86 -9.17
C PHE A 183 -9.35 -2.27 -9.34
N MET A 184 -9.08 -3.55 -9.63
CA MET A 184 -7.68 -3.97 -9.60
C MET A 184 -6.91 -3.70 -10.89
N GLU A 185 -7.57 -3.72 -12.05
CA GLU A 185 -6.85 -3.58 -13.32
C GLU A 185 -5.89 -2.39 -13.41
N PRO A 186 -6.26 -1.17 -13.01
CA PRO A 186 -5.26 -0.08 -12.99
C PRO A 186 -4.11 -0.32 -12.03
N LYS A 187 -4.30 -1.09 -10.96
CA LYS A 187 -3.18 -1.39 -10.07
C LYS A 187 -2.24 -2.39 -10.71
N PHE A 188 -2.79 -3.38 -11.40
CA PHE A 188 -1.95 -4.28 -12.17
C PHE A 188 -1.20 -3.52 -13.26
N GLU A 189 -1.90 -2.62 -13.97
CA GLU A 189 -1.24 -1.81 -15.01
C GLU A 189 -0.05 -1.06 -14.45
N PHE A 190 -0.25 -0.40 -13.31
CA PHE A 190 0.84 0.36 -12.70
C PHE A 190 1.98 -0.55 -12.26
N ALA A 191 1.66 -1.69 -11.63
CA ALA A 191 2.69 -2.58 -11.09
C ALA A 191 3.60 -3.16 -12.18
N VAL A 192 3.05 -3.52 -13.34
CA VAL A 192 3.95 -4.11 -14.35
C VAL A 192 4.96 -3.06 -14.80
N LYS A 193 4.55 -1.80 -14.86
CA LYS A 193 5.51 -0.75 -15.22
C LYS A 193 6.43 -0.45 -14.04
N PHE A 194 5.88 -0.45 -12.84
CA PHE A 194 6.69 -0.15 -11.67
C PHE A 194 7.67 -1.29 -11.39
N ASN A 195 7.22 -2.54 -11.51
CA ASN A 195 8.12 -3.66 -11.27
C ASN A 195 9.24 -3.73 -12.30
N ALA A 196 9.02 -3.20 -13.49
CA ALA A 196 10.15 -3.09 -14.42
C ALA A 196 11.31 -2.27 -13.86
N LEU A 197 11.07 -1.39 -12.88
CA LEU A 197 12.24 -0.73 -12.29
C LEU A 197 13.05 -1.67 -11.39
N GLU A 198 12.56 -2.87 -11.11
CA GLU A 198 13.31 -3.88 -10.33
C GLU A 198 13.85 -3.31 -9.02
N LEU A 199 13.05 -2.51 -8.30
CA LEU A 199 13.52 -2.08 -6.97
C LEU A 199 13.50 -3.26 -6.00
N ASP A 200 14.34 -3.19 -4.96
CA ASP A 200 14.31 -4.17 -3.89
C ASP A 200 13.78 -3.53 -2.60
N ASP A 201 13.58 -4.36 -1.57
CA ASP A 201 13.06 -3.87 -0.30
C ASP A 201 13.88 -2.72 0.27
N SER A 202 15.20 -2.75 0.11
CA SER A 202 15.98 -1.66 0.68
C SER A 202 15.74 -0.33 -0.06
N ASP A 203 15.51 -0.38 -1.37
CA ASP A 203 15.14 0.85 -2.08
C ASP A 203 13.77 1.30 -1.62
N LEU A 204 12.84 0.35 -1.56
CA LEU A 204 11.44 0.66 -1.29
C LEU A 204 11.25 1.29 0.08
N ALA A 205 12.06 0.89 1.06
CA ALA A 205 11.92 1.48 2.39
C ALA A 205 12.12 2.99 2.34
N ILE A 206 13.11 3.45 1.60
CA ILE A 206 13.36 4.90 1.53
C ILE A 206 12.30 5.57 0.67
N PHE A 207 11.86 4.91 -0.39
CA PHE A 207 10.89 5.53 -1.30
C PHE A 207 9.56 5.73 -0.60
N ILE A 208 9.10 4.74 0.19
CA ILE A 208 7.83 4.99 0.85
C ILE A 208 7.99 6.06 1.90
N ALA A 209 9.20 6.24 2.45
CA ALA A 209 9.40 7.32 3.39
C ALA A 209 9.27 8.66 2.69
N VAL A 210 9.95 8.80 1.55
CA VAL A 210 9.80 10.00 0.73
C VAL A 210 8.33 10.33 0.51
N ILE A 211 7.54 9.31 0.14
CA ILE A 211 6.12 9.52 -0.17
C ILE A 211 5.39 10.10 1.03
N ILE A 212 5.64 9.54 2.22
CA ILE A 212 4.90 9.94 3.41
C ILE A 212 5.15 11.42 3.72
N LEU A 213 6.41 11.83 3.65
CA LEU A 213 6.86 13.18 4.00
C LEU A 213 6.65 14.13 2.83
N SER A 214 5.45 14.18 2.27
CA SER A 214 5.20 15.04 1.10
C SER A 214 4.72 16.41 1.58
N GLY A 215 5.47 17.46 1.26
CA GLY A 215 5.15 18.79 1.78
C GLY A 215 3.94 19.46 1.16
N ASP A 216 3.41 18.94 0.06
CA ASP A 216 2.27 19.57 -0.61
C ASP A 216 0.94 18.93 -0.26
N ARG A 217 0.87 18.16 0.81
CA ARG A 217 -0.42 17.64 1.26
C ARG A 217 -1.33 18.79 1.67
N PRO A 218 -2.54 18.86 1.15
CA PRO A 218 -3.46 19.92 1.58
C PRO A 218 -3.69 19.87 3.08
N GLY A 219 -3.50 21.00 3.74
CA GLY A 219 -3.82 21.15 5.14
C GLY A 219 -2.66 21.05 6.09
N LEU A 220 -1.43 20.98 5.59
CA LEU A 220 -0.29 20.94 6.50
C LEU A 220 -0.12 22.28 7.20
N LEU A 221 0.13 22.24 8.51
CA LEU A 221 0.26 23.50 9.25
C LEU A 221 1.68 24.06 9.15
N ASN A 222 2.68 23.25 9.50
CA ASN A 222 4.10 23.63 9.41
C ASN A 222 4.73 22.80 8.29
N VAL A 223 4.90 23.42 7.11
CA VAL A 223 5.39 22.69 5.95
C VAL A 223 6.90 22.45 6.06
N LYS A 224 7.63 23.33 6.74
CA LYS A 224 9.07 23.36 6.55
C LYS A 224 9.80 22.15 7.12
N PRO A 225 9.62 21.75 8.41
CA PRO A 225 10.37 20.57 8.88
C PRO A 225 10.08 19.34 8.03
N ILE A 226 8.81 19.19 7.61
CA ILE A 226 8.43 18.13 6.69
C ILE A 226 9.32 18.16 5.45
N GLU A 227 9.29 19.29 4.72
CA GLU A 227 10.06 19.38 3.50
C GLU A 227 11.55 19.22 3.77
N ASP A 228 12.02 19.65 4.94
CA ASP A 228 13.40 19.40 5.32
C ASP A 228 13.67 17.90 5.45
N ILE A 229 12.79 17.17 6.12
CA ILE A 229 13.01 15.72 6.26
C ILE A 229 12.94 15.05 4.89
N GLN A 230 12.00 15.47 4.04
CA GLN A 230 11.86 14.77 2.76
C GLN A 230 13.07 15.03 1.86
N ASP A 231 13.63 16.24 1.89
CA ASP A 231 14.79 16.49 1.04
C ASP A 231 15.98 15.64 1.49
N ASN A 232 16.08 15.37 2.80
CA ASN A 232 17.14 14.48 3.28
C ASN A 232 16.86 13.03 2.91
N LEU A 233 15.59 12.60 2.98
CA LEU A 233 15.23 11.27 2.51
C LEU A 233 15.55 11.09 1.03
N LEU A 234 15.31 12.12 0.23
CA LEU A 234 15.60 12.05 -1.19
C LEU A 234 17.10 11.90 -1.43
N GLN A 235 17.92 12.65 -0.69
CA GLN A 235 19.35 12.49 -0.83
C GLN A 235 19.77 11.07 -0.45
N ALA A 236 19.19 10.50 0.62
CA ALA A 236 19.47 9.11 0.96
C ALA A 236 18.98 8.15 -0.12
N LEU A 237 17.83 8.44 -0.73
CA LEU A 237 17.35 7.61 -1.82
C LEU A 237 18.26 7.70 -3.04
N GLU A 238 18.80 8.90 -3.33
CA GLU A 238 19.64 9.01 -4.52
C GLU A 238 20.94 8.25 -4.34
N LEU A 239 21.56 8.35 -3.16
CA LEU A 239 22.73 7.52 -2.86
C LEU A 239 22.37 6.05 -2.87
N GLN A 240 21.20 5.70 -2.35
CA GLN A 240 20.79 4.31 -2.32
C GLN A 240 20.70 3.72 -3.72
N LEU A 241 19.97 4.38 -4.62
CA LEU A 241 19.82 3.88 -5.98
C LEU A 241 21.13 3.89 -6.75
N LYS A 242 22.06 4.77 -6.37
CA LYS A 242 23.29 4.85 -7.12
C LYS A 242 24.20 3.69 -6.76
N LEU A 243 24.24 3.34 -5.48
CA LEU A 243 25.04 2.19 -5.09
C LEU A 243 24.35 0.88 -5.47
N ASN A 244 23.06 0.79 -5.23
CA ASN A 244 22.40 -0.49 -5.44
C ASN A 244 22.12 -0.78 -6.91
N HIS A 245 21.96 0.25 -7.73
CA HIS A 245 21.69 0.08 -9.16
C HIS A 245 22.57 0.99 -10.01
N PRO A 246 23.89 0.88 -9.90
CA PRO A 246 24.72 1.43 -10.97
C PRO A 246 24.32 0.69 -12.24
N GLU A 247 24.52 1.34 -13.38
CA GLU A 247 24.17 0.80 -14.69
C GLU A 247 22.66 0.85 -14.98
N SER A 248 21.85 1.46 -14.11
CA SER A 248 20.46 1.78 -14.45
C SER A 248 20.35 3.30 -14.55
N SER A 249 20.78 3.84 -15.70
CA SER A 249 20.84 5.28 -15.87
C SER A 249 19.52 5.94 -15.52
N GLN A 250 19.61 7.02 -14.74
CA GLN A 250 18.48 7.87 -14.41
C GLN A 250 17.36 7.12 -13.69
N LEU A 251 17.70 6.08 -12.92
CA LEU A 251 16.67 5.36 -12.19
C LEU A 251 15.98 6.27 -11.20
N PHE A 252 16.73 7.14 -10.54
CA PHE A 252 16.12 8.09 -9.60
C PHE A 252 15.04 8.91 -10.29
N ALA A 253 15.33 9.41 -11.50
CA ALA A 253 14.35 10.22 -12.21
C ALA A 253 13.15 9.38 -12.65
N LYS A 254 13.37 8.12 -13.05
CA LYS A 254 12.21 7.31 -13.41
C LYS A 254 11.34 7.03 -12.18
N LEU A 255 11.95 6.92 -11.01
CA LEU A 255 11.18 6.57 -9.84
C LEU A 255 10.37 7.76 -9.32
N LEU A 256 10.95 8.95 -9.35
CA LEU A 256 10.18 10.13 -8.91
C LEU A 256 8.93 10.36 -9.76
N GLN A 257 8.96 10.00 -11.05
CA GLN A 257 7.76 10.13 -11.89
C GLN A 257 6.61 9.20 -11.43
N LYS A 258 6.91 8.06 -10.78
CA LYS A 258 5.82 7.19 -10.34
C LYS A 258 5.07 7.78 -9.16
N MET A 259 5.69 8.68 -8.38
CA MET A 259 5.00 9.33 -7.26
C MET A 259 3.74 10.04 -7.71
N THR A 260 3.77 10.65 -8.88
CA THR A 260 2.55 11.29 -9.39
C THR A 260 1.57 10.26 -9.93
N ASP A 261 2.07 9.15 -10.49
CA ASP A 261 1.17 8.06 -10.87
C ASP A 261 0.34 7.60 -9.68
N LEU A 262 0.99 7.40 -8.53
CA LEU A 262 0.26 6.97 -7.32
C LEU A 262 -0.95 7.84 -7.06
N ARG A 263 -0.84 9.17 -7.36
CA ARG A 263 -1.93 10.08 -7.03
C ARG A 263 -3.11 9.86 -7.95
N GLN A 264 -2.86 9.59 -9.24
CA GLN A 264 -3.96 9.35 -10.17
C GLN A 264 -4.66 8.05 -9.82
N ILE A 265 -3.89 7.06 -9.41
CA ILE A 265 -4.48 5.79 -8.99
C ILE A 265 -5.42 6.02 -7.83
N VAL A 266 -4.97 6.77 -6.82
CA VAL A 266 -5.87 7.14 -5.73
C VAL A 266 -7.10 7.88 -6.25
N THR A 267 -6.91 8.87 -7.13
CA THR A 267 -8.05 9.66 -7.63
C THR A 267 -9.12 8.77 -8.25
N GLU A 268 -8.70 7.89 -9.16
CA GLU A 268 -9.61 6.97 -9.81
C GLU A 268 -10.21 5.96 -8.82
N HIS A 269 -9.40 5.43 -7.90
CA HIS A 269 -9.93 4.50 -6.89
C HIS A 269 -11.02 5.15 -6.05
N VAL A 270 -10.80 6.40 -5.60
CA VAL A 270 -11.83 7.11 -4.86
C VAL A 270 -13.10 7.21 -5.68
N GLN A 271 -12.96 7.49 -6.99
CA GLN A 271 -14.15 7.58 -7.82
C GLN A 271 -14.89 6.24 -7.90
N LEU A 272 -14.18 5.12 -7.91
CA LEU A 272 -14.89 3.83 -7.96
C LEU A 272 -15.58 3.50 -6.64
N LEU A 273 -14.94 3.78 -5.51
CA LEU A 273 -15.63 3.66 -4.22
C LEU A 273 -16.91 4.50 -4.21
N GLN A 274 -16.89 5.66 -4.86
CA GLN A 274 -18.08 6.49 -4.81
C GLN A 274 -19.20 5.90 -5.65
N VAL A 275 -18.87 5.16 -6.70
CA VAL A 275 -19.87 4.34 -7.37
C VAL A 275 -20.48 3.33 -6.41
N ILE A 276 -19.66 2.71 -5.58
CA ILE A 276 -20.16 1.60 -4.76
C ILE A 276 -21.12 2.12 -3.68
N LYS A 277 -20.74 3.21 -3.00
CA LYS A 277 -21.63 3.74 -1.97
C LYS A 277 -22.91 4.32 -2.59
N LYS A 278 -22.85 4.77 -3.84
CA LYS A 278 -24.03 5.33 -4.49
C LYS A 278 -24.94 4.30 -5.13
N THR A 279 -24.39 3.18 -5.62
CA THR A 279 -25.19 2.18 -6.35
C THR A 279 -25.50 0.92 -5.55
N GLU A 280 -24.54 0.38 -4.80
CA GLU A 280 -24.80 -0.81 -4.01
C GLU A 280 -25.52 -0.45 -2.70
N THR A 281 -26.34 -1.38 -2.23
CA THR A 281 -27.11 -1.19 -1.00
C THR A 281 -26.27 -1.62 0.20
N ASP A 282 -26.19 -0.74 1.20
CA ASP A 282 -25.43 -0.94 2.43
C ASP A 282 -24.02 -1.44 2.17
N MET A 283 -23.14 -0.52 1.78
CA MET A 283 -21.74 -0.82 1.57
C MET A 283 -20.90 0.25 2.26
N SER A 284 -21.26 0.53 3.51
CA SER A 284 -20.41 1.32 4.40
C SER A 284 -19.01 0.74 4.41
N LEU A 285 -18.00 1.61 4.47
CA LEU A 285 -16.65 1.13 4.63
C LEU A 285 -16.31 0.95 6.09
N HIS A 286 -15.25 0.16 6.34
CA HIS A 286 -14.71 0.07 7.70
C HIS A 286 -14.42 1.47 8.26
N PRO A 287 -14.68 1.70 9.55
CA PRO A 287 -14.60 3.07 10.08
C PRO A 287 -13.26 3.72 9.88
N LEU A 288 -12.18 2.92 9.80
CA LEU A 288 -10.86 3.52 9.68
C LEU A 288 -10.62 4.03 8.27
N LEU A 289 -11.18 3.30 7.30
CA LEU A 289 -11.13 3.74 5.91
C LEU A 289 -12.07 4.91 5.69
N GLN A 290 -13.21 4.91 6.37
CA GLN A 290 -14.08 6.08 6.32
C GLN A 290 -13.35 7.31 6.81
N GLU A 291 -12.64 7.19 7.94
CA GLU A 291 -11.87 8.31 8.47
C GLU A 291 -10.82 8.81 7.49
N ILE A 292 -10.22 7.91 6.69
CA ILE A 292 -9.14 8.30 5.78
C ILE A 292 -9.69 9.03 4.56
N TYR A 293 -10.82 8.54 4.02
CA TYR A 293 -11.43 9.16 2.85
C TYR A 293 -12.31 10.35 3.16
N LYS A 294 -12.71 10.57 4.41
CA LYS A 294 -13.52 11.74 4.73
C LYS A 294 -12.70 12.99 4.40
N ASP A 295 -13.21 13.80 3.46
CA ASP A 295 -12.61 15.11 3.12
C ASP A 295 -11.18 14.98 2.62
N LEU A 296 -10.94 13.90 1.86
CA LEU A 296 -9.71 13.70 1.10
C LEU A 296 -9.84 14.41 -0.25
N TYR A 297 -9.10 15.49 -0.44
CA TYR A 297 -9.21 16.32 -1.66
C TYR A 297 -10.64 16.86 -1.80
N GLY B 6 -8.75 15.88 7.18
CA GLY B 6 -8.88 16.87 8.23
C GLY B 6 -7.72 16.98 9.22
N ASN B 7 -8.06 17.04 10.49
CA ASN B 7 -7.11 17.31 11.55
C ASN B 7 -7.24 16.25 12.64
N THR B 8 -6.36 16.36 13.64
CA THR B 8 -6.56 15.67 14.92
C THR B 8 -8.04 15.65 15.31
N LYS B 9 -8.70 16.80 15.18
CA LYS B 9 -10.15 16.97 15.25
C LYS B 9 -10.92 15.77 14.68
N ASN B 10 -10.64 15.41 13.42
CA ASN B 10 -11.50 14.51 12.67
C ASN B 10 -10.85 13.15 12.41
N HIS B 11 -9.90 12.73 13.24
CA HIS B 11 -9.16 11.48 13.00
C HIS B 11 -8.81 10.81 14.30
N PRO B 12 -9.81 10.44 15.11
CA PRO B 12 -9.49 9.68 16.33
C PRO B 12 -8.67 8.42 16.06
N MET B 13 -9.03 7.66 15.02
CA MET B 13 -8.37 6.38 14.77
C MET B 13 -6.90 6.56 14.36
N LEU B 14 -6.61 7.50 13.46
CA LEU B 14 -5.22 7.73 13.08
C LEU B 14 -4.40 8.23 14.27
N MET B 15 -4.98 9.11 15.09
CA MET B 15 -4.27 9.55 16.28
C MET B 15 -4.03 8.39 17.24
N ASN B 16 -5.03 7.52 17.43
CA ASN B 16 -4.84 6.28 18.19
C ASN B 16 -3.68 5.46 17.63
N LEU B 17 -3.70 5.14 16.33
CA LEU B 17 -2.57 4.47 15.73
C LEU B 17 -1.27 5.22 15.98
N LEU B 18 -1.33 6.55 16.00
CA LEU B 18 -0.10 7.34 16.03
C LEU B 18 0.54 7.38 17.42
N LYS B 19 -0.25 7.33 18.49
CA LYS B 19 0.35 7.41 19.81
C LYS B 19 1.13 6.13 20.12
N ASP B 20 2.05 6.25 21.08
CA ASP B 20 3.07 5.25 21.38
C ASP B 20 2.53 3.81 21.50
O3 EDK C . -9.48 1.58 -0.56
C4 EDK C . -5.52 -3.97 -0.77
C5 EDK C . -5.89 -2.69 -0.38
C6 EDK C . -6.39 -1.82 -1.32
N1 EDK C . -9.20 -0.90 -1.46
C7 EDK C . -6.84 -0.41 -0.88
C8 EDK C . -8.28 -0.49 -0.40
N2 EDK C . -6.72 -9.39 -0.90
C9 EDK C . -10.51 -1.46 -1.03
C10 EDK C . -11.23 -2.39 -1.83
C11 EDK C . -12.46 -2.94 -1.42
C12 EDK C . -12.95 -2.54 -0.17
C13 EDK C . -12.25 -1.64 0.63
C14 EDK C . -11.03 -1.09 0.22
C15 EDK C . -10.69 -2.81 -3.21
C22 EDK C . -8.74 0.88 0.12
O2 EDK C . -8.38 1.25 1.23
C16 EDK C . -11.43 -3.74 -4.19
C21 EDK C . -10.75 -4.81 -4.71
C20 EDK C . -11.38 -5.69 -5.59
C19 EDK C . -12.67 -5.47 -5.99
C18 EDK C . -13.34 -4.37 -5.47
C17 EDK C . -12.72 -3.51 -4.59
O1 EDK C . -9.62 -2.42 -3.52
C23 EDK C . -6.53 -2.18 -2.66
C24 EDK C . -6.14 -3.48 -3.06
C3 EDK C . -5.65 -4.36 -2.11
O EDK C . -5.27 -5.64 -2.51
C2 EDK C . -5.04 -6.64 -1.50
C1 EDK C . -4.86 -8.01 -2.28
N EDK C . -6.14 -8.29 -2.91
C EDK C . -6.41 -7.96 -4.30
C25 EDK C . -7.11 -8.97 -2.09
C29 EDK C . -8.38 -9.16 -2.57
C28 EDK C . -9.27 -9.83 -1.76
C27 EDK C . -8.81 -10.26 -0.53
C26 EDK C . -7.51 -10.04 -0.09
#